data_7E0A
#
_entry.id   7E0A
#
_cell.length_a   65.798
_cell.length_b   65.798
_cell.length_c   156.765
_cell.angle_alpha   90.000
_cell.angle_beta   90.000
_cell.angle_gamma   90.000
#
_symmetry.space_group_name_H-M   'P 43 21 2'
#
loop_
_entity.id
_entity.type
_entity.pdbx_description
1 polymer 'Isoform 2 of Peroxisome proliferator-activated receptor gamma'
2 non-polymer '(2S)-2-ethoxy-3-[4-[2-[2-methyl-5-(4-methylsulfanylphenyl)pyrrol-1-yl]ethoxy]phenyl]propanoic acid'
3 water water
#
_entity_poly.entity_id   1
_entity_poly.type   'polypeptide(L)'
_entity_poly.pdbx_seq_one_letter_code
;GSHMDQLNPESADLRALAKHLYDSYIKSFPLTKAKARAILTGKTTDKSPFVIYDMNSLMMGEDKIKFKHITPLQEQSKEV
AIRIFQGCQFRSVEAVQEITEYAKSIPGFVNLDLNDQVTLLKYGVHEIIYTMLASLMNKDGVLISEGQGFMTREFLKSLR
KPFGDFMEPKFEFAVKFNALELDDSDLAIFIAVIILSGDRPGLLNVKPIEDIQDNLLQALELQLKLNHPESSQLFAKLLQ
KMTDLRQIVTEHVQLLQVIKKTETDMSLHPLLQEIYKDLY
;
_entity_poly.pdbx_strand_id   A
#
loop_
_chem_comp.id
_chem_comp.type
_chem_comp.name
_chem_comp.formula
EWR non-polymer '(2S)-2-ethoxy-3-[4-[2-[2-methyl-5-(4-methylsulfanylphenyl)pyrrol-1-yl]ethoxy]phenyl]propanoic acid' 'C25 H29 N O4 S'
#
# COMPACT_ATOMS: atom_id res chain seq x y z
N ASP A 5 6.42 -5.16 -29.64
CA ASP A 5 5.87 -3.81 -29.53
C ASP A 5 5.39 -3.36 -30.93
N GLN A 6 4.08 -3.21 -31.07
CA GLN A 6 3.49 -2.67 -32.29
C GLN A 6 2.39 -1.71 -31.91
N LEU A 7 2.09 -0.79 -32.82
CA LEU A 7 0.91 0.06 -32.68
C LEU A 7 -0.25 -0.66 -33.37
N ASN A 8 -1.06 -1.37 -32.59
CA ASN A 8 -2.25 -2.00 -33.11
C ASN A 8 -3.41 -1.69 -32.18
N PRO A 9 -4.63 -2.11 -32.50
CA PRO A 9 -5.75 -1.76 -31.63
C PRO A 9 -5.65 -2.40 -30.25
N GLU A 10 -4.99 -3.56 -30.14
CA GLU A 10 -4.79 -4.16 -28.83
C GLU A 10 -3.90 -3.28 -27.95
N SER A 11 -2.82 -2.73 -28.51
CA SER A 11 -1.96 -1.88 -27.69
C SER A 11 -2.65 -0.56 -27.36
N ALA A 12 -3.44 -0.02 -28.28
CA ALA A 12 -4.21 1.17 -27.94
C ALA A 12 -5.17 0.90 -26.79
N ASP A 13 -5.82 -0.27 -26.80
CA ASP A 13 -6.67 -0.65 -25.68
C ASP A 13 -5.89 -0.74 -24.38
N LEU A 14 -4.68 -1.32 -24.43
CA LEU A 14 -3.89 -1.47 -23.22
C LEU A 14 -3.44 -0.12 -22.68
N ARG A 15 -3.09 0.84 -23.58
CA ARG A 15 -2.76 2.18 -23.11
C ARG A 15 -3.98 2.89 -22.53
N ALA A 16 -5.18 2.66 -23.12
CA ALA A 16 -6.38 3.28 -22.59
C ALA A 16 -6.71 2.73 -21.21
N LEU A 17 -6.51 1.42 -21.03
CA LEU A 17 -6.68 0.82 -19.72
C LEU A 17 -5.71 1.44 -18.71
N ALA A 18 -4.43 1.53 -19.07
CA ALA A 18 -3.46 2.16 -18.18
C ALA A 18 -3.88 3.57 -17.79
N LYS A 19 -4.36 4.36 -18.77
CA LYS A 19 -4.76 5.74 -18.46
C LYS A 19 -5.98 5.78 -17.53
N HIS A 20 -6.94 4.90 -17.78
CA HIS A 20 -8.13 4.82 -16.92
C HIS A 20 -7.74 4.51 -15.48
N LEU A 21 -6.85 3.55 -15.31
CA LEU A 21 -6.42 3.19 -13.97
C LEU A 21 -5.65 4.33 -13.32
N TYR A 22 -4.79 5.02 -14.08
CA TYR A 22 -4.09 6.14 -13.50
C TYR A 22 -5.07 7.21 -13.04
N ASP A 23 -6.01 7.59 -13.91
CA ASP A 23 -6.98 8.64 -13.55
C ASP A 23 -7.77 8.25 -12.30
N SER A 24 -8.20 6.98 -12.21
N SER A 24 -8.14 6.96 -12.19
CA SER A 24 -8.91 6.51 -11.02
CA SER A 24 -8.92 6.45 -11.05
C SER A 24 -8.02 6.55 -9.79
C SER A 24 -8.07 6.36 -9.78
N TYR A 25 -6.79 6.04 -9.94
CA TYR A 25 -5.87 6.02 -8.81
C TYR A 25 -5.67 7.42 -8.25
N ILE A 26 -5.52 8.42 -9.12
CA ILE A 26 -5.34 9.79 -8.64
C ILE A 26 -6.57 10.24 -7.84
N LYS A 27 -7.76 9.80 -8.27
CA LYS A 27 -8.98 10.19 -7.58
C LYS A 27 -9.14 9.47 -6.24
N SER A 28 -8.67 8.24 -6.12
CA SER A 28 -8.95 7.45 -4.93
C SER A 28 -7.93 7.65 -3.82
N PHE A 29 -6.71 8.01 -4.17
CA PHE A 29 -5.66 8.08 -3.17
C PHE A 29 -5.21 9.51 -2.98
N PRO A 30 -5.40 10.05 -1.76
CA PRO A 30 -5.13 11.49 -1.54
C PRO A 30 -3.72 11.93 -1.88
N LEU A 31 -2.71 11.19 -1.39
CA LEU A 31 -1.31 11.59 -1.55
C LEU A 31 -0.61 10.63 -2.51
N THR A 32 -0.30 11.10 -3.72
CA THR A 32 0.40 10.32 -4.76
C THR A 32 1.88 10.14 -4.43
N LYS A 33 2.52 9.19 -5.11
CA LYS A 33 3.96 9.11 -4.98
C LYS A 33 4.63 10.39 -5.50
N ALA A 34 4.14 10.94 -6.61
CA ALA A 34 4.79 12.14 -7.15
C ALA A 34 4.81 13.24 -6.09
N LYS A 35 3.67 13.47 -5.45
CA LYS A 35 3.57 14.52 -4.43
C LYS A 35 4.39 14.15 -3.20
N ALA A 36 4.32 12.88 -2.77
CA ALA A 36 5.11 12.44 -1.63
C ALA A 36 6.60 12.65 -1.86
N ARG A 37 7.12 12.31 -3.05
CA ARG A 37 8.56 12.50 -3.25
C ARG A 37 8.93 13.99 -3.27
N ALA A 38 8.03 14.85 -3.76
CA ALA A 38 8.31 16.29 -3.73
C ALA A 38 8.33 16.80 -2.30
N ILE A 39 7.43 16.30 -1.45
CA ILE A 39 7.49 16.65 -0.03
C ILE A 39 8.79 16.15 0.59
N LEU A 40 9.18 14.89 0.29
CA LEU A 40 10.35 14.30 0.95
C LEU A 40 11.63 15.04 0.57
N THR A 41 11.71 15.57 -0.64
CA THR A 41 12.89 16.32 -1.05
C THR A 41 12.80 17.81 -0.68
N GLY A 42 11.64 18.28 -0.23
CA GLY A 42 11.44 19.69 0.06
C GLY A 42 11.14 20.52 -1.17
N LYS A 43 11.01 19.88 -2.34
CA LYS A 43 10.78 20.59 -3.58
C LYS A 43 9.36 21.09 -3.70
N THR A 44 8.45 20.55 -2.90
CA THR A 44 7.08 21.04 -2.92
C THR A 44 7.05 22.50 -2.52
N THR A 45 6.02 23.20 -2.98
CA THR A 45 5.74 24.55 -2.48
C THR A 45 4.83 24.52 -1.25
N ASP A 46 4.39 23.34 -0.85
CA ASP A 46 3.60 23.16 0.36
C ASP A 46 4.46 23.34 1.61
N LYS A 47 3.78 23.62 2.72
CA LYS A 47 4.45 23.71 4.02
C LYS A 47 5.12 22.39 4.36
N SER A 48 6.22 22.46 5.11
CA SER A 48 6.93 21.25 5.46
C SER A 48 6.12 20.42 6.46
N PRO A 49 6.17 19.09 6.36
CA PRO A 49 5.55 18.28 7.41
C PRO A 49 6.21 18.55 8.77
N PHE A 50 5.43 18.32 9.83
CA PHE A 50 5.96 18.31 11.18
C PHE A 50 6.74 17.02 11.41
N VAL A 51 8.01 17.12 11.87
CA VAL A 51 8.84 15.92 12.03
C VAL A 51 8.76 15.36 13.45
N ILE A 52 8.39 14.09 13.57
CA ILE A 52 8.32 13.36 14.84
C ILE A 52 9.54 12.44 14.90
N TYR A 53 10.52 12.82 15.72
CA TYR A 53 11.75 12.08 15.82
C TYR A 53 12.10 11.66 17.24
N ASP A 54 11.23 11.95 18.22
CA ASP A 54 11.49 11.59 19.61
C ASP A 54 10.18 11.80 20.39
N MET A 55 10.21 11.47 21.69
CA MET A 55 8.97 11.52 22.45
C MET A 55 8.43 12.93 22.52
N ASN A 56 9.31 13.91 22.71
CA ASN A 56 8.85 15.28 22.81
C ASN A 56 8.14 15.71 21.52
N SER A 57 8.75 15.43 20.37
CA SER A 57 8.13 15.89 19.12
C SER A 57 6.89 15.08 18.78
N LEU A 58 6.81 13.83 19.24
CA LEU A 58 5.57 13.08 19.13
C LEU A 58 4.43 13.81 19.84
N MET A 59 4.66 14.22 21.08
CA MET A 59 3.61 14.95 21.80
C MET A 59 3.30 16.30 21.15
N MET A 60 4.33 17.05 20.72
CA MET A 60 4.07 18.32 20.03
C MET A 60 3.30 18.09 18.74
N GLY A 61 3.58 17.00 18.04
CA GLY A 61 2.91 16.76 16.78
C GLY A 61 1.47 16.34 16.99
N GLU A 62 1.21 15.58 18.05
CA GLU A 62 -0.16 15.23 18.39
C GLU A 62 -0.98 16.48 18.69
N ASP A 63 -0.34 17.53 19.22
CA ASP A 63 -1.06 18.76 19.50
C ASP A 63 -1.23 19.64 18.26
N LYS A 64 -0.38 19.43 17.24
CA LYS A 64 -0.42 20.21 16.01
C LYS A 64 -1.33 19.57 14.96
N ILE A 65 -1.24 18.25 14.81
CA ILE A 65 -1.95 17.51 13.77
C ILE A 65 -3.23 16.93 14.35
N LYS A 66 -4.31 16.99 13.57
CA LYS A 66 -5.57 16.36 13.97
C LYS A 66 -5.49 14.87 13.64
N PHE A 67 -5.03 14.08 14.61
CA PHE A 67 -5.05 12.64 14.49
C PHE A 67 -6.42 12.12 14.92
N LYS A 68 -6.99 11.24 14.09
CA LYS A 68 -8.36 10.77 14.27
C LYS A 68 -8.46 9.58 15.22
N HIS A 69 -7.37 9.22 15.90
CA HIS A 69 -7.42 8.16 16.89
C HIS A 69 -7.24 8.76 18.30
N LYS A 78 -3.81 6.00 25.71
CA LYS A 78 -2.82 5.22 26.44
C LYS A 78 -1.41 5.82 26.39
N GLU A 79 -0.42 4.98 26.68
CA GLU A 79 0.98 5.31 26.51
C GLU A 79 1.34 5.42 25.02
N VAL A 80 2.51 6.00 24.75
CA VAL A 80 2.87 6.40 23.38
C VAL A 80 2.85 5.21 22.44
N ALA A 81 3.49 4.10 22.84
CA ALA A 81 3.64 2.99 21.92
C ALA A 81 2.29 2.44 21.50
N ILE A 82 1.36 2.36 22.46
CA ILE A 82 0.02 1.87 22.12
C ILE A 82 -0.72 2.88 21.25
N ARG A 83 -0.55 4.17 21.52
CA ARG A 83 -1.23 5.18 20.71
C ARG A 83 -0.77 5.13 19.26
N ILE A 84 0.53 4.93 19.03
CA ILE A 84 1.02 4.84 17.65
C ILE A 84 0.50 3.56 17.00
N PHE A 85 0.55 2.45 17.73
CA PHE A 85 0.03 1.17 17.26
C PHE A 85 -1.43 1.31 16.83
N GLN A 86 -2.22 2.02 17.62
CA GLN A 86 -3.63 2.20 17.30
C GLN A 86 -3.82 3.15 16.13
N GLY A 87 -3.02 4.21 16.08
CA GLY A 87 -3.08 5.10 14.92
C GLY A 87 -2.80 4.38 13.61
N CYS A 88 -1.88 3.41 13.63
CA CYS A 88 -1.62 2.62 12.42
C CYS A 88 -2.85 1.79 12.05
N GLN A 89 -3.53 1.21 13.04
CA GLN A 89 -4.73 0.46 12.74
C GLN A 89 -5.81 1.35 12.13
N PHE A 90 -6.00 2.55 12.70
CA PHE A 90 -7.01 3.45 12.15
C PHE A 90 -6.67 3.87 10.71
N ARG A 91 -5.38 4.14 10.43
N ARG A 91 -5.39 4.14 10.41
CA ARG A 91 -4.97 4.44 9.05
CA ARG A 91 -5.05 4.45 9.02
C ARG A 91 -5.25 3.26 8.12
C ARG A 91 -5.28 3.25 8.11
N SER A 92 -4.96 2.05 8.59
CA SER A 92 -5.18 0.86 7.80
C SER A 92 -6.66 0.72 7.43
N VAL A 93 -7.55 0.97 8.39
CA VAL A 93 -8.98 0.84 8.06
C VAL A 93 -9.40 1.90 7.05
N GLU A 94 -8.91 3.14 7.21
N GLU A 94 -8.87 3.12 7.20
CA GLU A 94 -9.15 4.14 6.19
CA GLU A 94 -9.10 4.19 6.23
C GLU A 94 -8.64 3.66 4.84
C GLU A 94 -8.57 3.80 4.85
N ALA A 95 -7.41 3.14 4.81
CA ALA A 95 -6.83 2.72 3.54
C ALA A 95 -7.67 1.61 2.89
N VAL A 96 -8.22 0.70 3.70
CA VAL A 96 -9.10 -0.32 3.12
C VAL A 96 -10.20 0.34 2.29
N GLN A 97 -10.77 1.44 2.81
N GLN A 97 -10.77 1.45 2.79
CA GLN A 97 -11.84 2.13 2.11
CA GLN A 97 -11.87 2.09 2.07
C GLN A 97 -11.37 2.71 0.79
C GLN A 97 -11.39 2.74 0.78
N GLU A 98 -10.20 3.36 0.80
CA GLU A 98 -9.66 3.96 -0.42
C GLU A 98 -9.40 2.89 -1.48
N ILE A 99 -8.81 1.76 -1.04
CA ILE A 99 -8.47 0.69 -1.98
C ILE A 99 -9.74 0.05 -2.52
N THR A 100 -10.76 -0.04 -1.69
CA THR A 100 -12.02 -0.60 -2.20
C THR A 100 -12.61 0.29 -3.28
N GLU A 101 -12.58 1.60 -3.08
CA GLU A 101 -13.08 2.53 -4.08
C GLU A 101 -12.27 2.42 -5.37
N TYR A 102 -10.94 2.30 -5.23
CA TYR A 102 -10.11 2.10 -6.41
C TYR A 102 -10.50 0.81 -7.13
N ALA A 103 -10.72 -0.28 -6.39
CA ALA A 103 -10.99 -1.55 -7.04
C ALA A 103 -12.28 -1.49 -7.85
N LYS A 104 -13.24 -0.67 -7.41
CA LYS A 104 -14.49 -0.54 -8.15
C LYS A 104 -14.28 0.06 -9.52
N SER A 105 -13.17 0.76 -9.73
CA SER A 105 -12.89 1.35 -11.04
C SER A 105 -12.12 0.41 -11.95
N ILE A 106 -11.69 -0.76 -11.49
CA ILE A 106 -10.95 -1.68 -12.36
C ILE A 106 -11.94 -2.36 -13.30
N PRO A 107 -11.81 -2.22 -14.63
CA PRO A 107 -12.85 -2.73 -15.52
C PRO A 107 -13.06 -4.22 -15.31
N GLY A 108 -14.33 -4.60 -15.11
CA GLY A 108 -14.70 -5.96 -14.87
C GLY A 108 -14.87 -6.32 -13.41
N PHE A 109 -14.29 -5.55 -12.47
CA PHE A 109 -14.26 -5.99 -11.08
C PHE A 109 -15.66 -6.03 -10.47
N VAL A 110 -16.47 -4.99 -10.66
CA VAL A 110 -17.80 -5.00 -10.04
C VAL A 110 -18.74 -5.97 -10.73
N ASN A 111 -18.37 -6.53 -11.88
CA ASN A 111 -19.20 -7.58 -12.48
C ASN A 111 -18.88 -8.96 -11.93
N LEU A 112 -17.83 -9.10 -11.13
CA LEU A 112 -17.60 -10.38 -10.49
C LEU A 112 -18.63 -10.59 -9.39
N ASP A 113 -18.85 -11.85 -9.04
CA ASP A 113 -19.70 -12.18 -7.90
C ASP A 113 -19.26 -11.39 -6.66
N LEU A 114 -20.22 -10.75 -5.99
CA LEU A 114 -19.87 -9.87 -4.89
C LEU A 114 -19.07 -10.59 -3.80
N ASN A 115 -19.26 -11.91 -3.60
CA ASN A 115 -18.44 -12.63 -2.63
C ASN A 115 -16.97 -12.71 -3.08
N ASP A 116 -16.74 -12.87 -4.38
CA ASP A 116 -15.37 -12.85 -4.89
C ASP A 116 -14.76 -11.46 -4.78
N GLN A 117 -15.53 -10.40 -5.04
CA GLN A 117 -15.03 -9.05 -4.80
C GLN A 117 -14.52 -8.91 -3.38
N VAL A 118 -15.32 -9.38 -2.41
CA VAL A 118 -14.95 -9.26 -1.01
C VAL A 118 -13.70 -10.08 -0.70
N THR A 119 -13.64 -11.32 -1.21
CA THR A 119 -12.47 -12.16 -0.99
C THR A 119 -11.20 -11.52 -1.56
N LEU A 120 -11.26 -11.01 -2.80
CA LEU A 120 -10.10 -10.37 -3.41
C LEU A 120 -9.62 -9.19 -2.57
N LEU A 121 -10.54 -8.40 -2.03
CA LEU A 121 -10.12 -7.28 -1.20
C LEU A 121 -9.57 -7.75 0.15
N LYS A 122 -10.20 -8.77 0.75
CA LYS A 122 -9.72 -9.27 2.03
C LYS A 122 -8.26 -9.71 1.96
N TYR A 123 -7.88 -10.45 0.91
CA TYR A 123 -6.52 -10.94 0.79
C TYR A 123 -5.58 -9.98 0.09
N GLY A 124 -6.10 -8.95 -0.59
CA GLY A 124 -5.24 -8.01 -1.29
C GLY A 124 -4.95 -6.70 -0.59
N VAL A 125 -5.79 -6.23 0.35
CA VAL A 125 -5.65 -4.84 0.81
C VAL A 125 -4.32 -4.63 1.53
N HIS A 126 -3.86 -5.59 2.35
CA HIS A 126 -2.60 -5.34 3.05
C HIS A 126 -1.42 -5.36 2.10
N GLU A 127 -1.43 -6.21 1.06
CA GLU A 127 -0.34 -6.12 0.10
C GLU A 127 -0.31 -4.74 -0.55
N ILE A 128 -1.49 -4.17 -0.83
CA ILE A 128 -1.54 -2.82 -1.42
C ILE A 128 -1.11 -1.76 -0.43
N ILE A 129 -1.54 -1.88 0.84
CA ILE A 129 -1.13 -0.93 1.87
C ILE A 129 0.39 -0.85 1.97
N TYR A 130 1.09 -2.00 1.96
CA TYR A 130 2.54 -1.95 2.12
C TYR A 130 3.23 -1.43 0.86
N THR A 131 2.68 -1.74 -0.31
CA THR A 131 3.17 -1.17 -1.56
C THR A 131 3.08 0.34 -1.53
N MET A 132 1.91 0.86 -1.10
CA MET A 132 1.76 2.31 -1.17
C MET A 132 2.45 3.01 -0.01
N LEU A 133 2.66 2.32 1.13
CA LEU A 133 3.50 2.86 2.19
C LEU A 133 4.91 3.18 1.67
N ALA A 134 5.44 2.33 0.77
CA ALA A 134 6.79 2.58 0.26
C ALA A 134 6.86 3.93 -0.45
N SER A 135 5.77 4.33 -1.12
CA SER A 135 5.74 5.65 -1.77
C SER A 135 5.97 6.78 -0.77
N LEU A 136 5.64 6.55 0.49
CA LEU A 136 5.72 7.59 1.52
C LEU A 136 6.99 7.50 2.36
N MET A 137 7.87 6.57 2.06
CA MET A 137 9.01 6.24 2.90
C MET A 137 10.31 6.64 2.22
N ASN A 138 11.27 7.10 3.02
CA ASN A 138 12.67 7.08 2.60
C ASN A 138 13.48 6.39 3.69
N LYS A 139 14.82 6.46 3.60
CA LYS A 139 15.69 5.78 4.55
C LYS A 139 15.41 6.24 5.97
N ASP A 140 14.96 7.49 6.14
CA ASP A 140 14.84 8.10 7.47
C ASP A 140 13.48 7.97 8.13
N GLY A 141 12.40 7.73 7.38
CA GLY A 141 11.11 7.70 8.02
C GLY A 141 9.98 7.68 7.00
N VAL A 142 8.77 7.92 7.51
CA VAL A 142 7.57 7.77 6.69
C VAL A 142 6.67 9.00 6.84
N LEU A 143 6.14 9.48 5.70
CA LEU A 143 5.13 10.56 5.75
C LEU A 143 3.82 10.04 6.31
N ILE A 144 3.24 10.79 7.25
CA ILE A 144 1.98 10.42 7.86
C ILE A 144 0.98 11.54 7.68
N SER A 145 -0.30 11.17 7.89
CA SER A 145 -1.43 12.11 7.85
C SER A 145 -1.42 12.94 6.57
N GLU A 146 -1.31 12.21 5.45
N GLU A 146 -1.37 12.24 5.43
CA GLU A 146 -1.34 12.79 4.11
CA GLU A 146 -1.41 12.90 4.12
C GLU A 146 -0.34 13.94 3.98
C GLU A 146 -0.33 13.98 3.99
N GLY A 147 0.85 13.70 4.52
CA GLY A 147 1.96 14.61 4.36
C GLY A 147 2.07 15.69 5.42
N GLN A 148 1.17 15.71 6.40
CA GLN A 148 1.29 16.71 7.46
C GLN A 148 2.38 16.39 8.47
N GLY A 149 2.77 15.11 8.58
CA GLY A 149 3.80 14.71 9.51
C GLY A 149 4.81 13.79 8.84
N PHE A 150 5.93 13.61 9.51
CA PHE A 150 6.98 12.68 9.07
C PHE A 150 7.52 12.01 10.33
N MET A 151 7.30 10.71 10.48
CA MET A 151 7.72 10.00 11.68
C MET A 151 8.94 9.17 11.35
N THR A 152 9.98 9.28 12.17
CA THR A 152 11.24 8.68 11.76
C THR A 152 11.31 7.19 12.05
N ARG A 153 12.13 6.52 11.23
CA ARG A 153 12.36 5.09 11.37
C ARG A 153 12.99 4.75 12.74
N GLU A 154 13.98 5.54 13.19
CA GLU A 154 14.59 5.21 14.49
C GLU A 154 13.64 5.51 15.65
N PHE A 155 12.77 6.51 15.53
CA PHE A 155 11.79 6.71 16.59
C PHE A 155 10.86 5.51 16.73
N LEU A 156 10.35 5.01 15.60
CA LEU A 156 9.55 3.79 15.61
C LEU A 156 10.34 2.62 16.22
N LYS A 157 11.64 2.51 15.93
CA LYS A 157 12.40 1.39 16.50
C LYS A 157 12.62 1.58 17.99
N SER A 158 12.41 2.78 18.51
CA SER A 158 12.67 3.06 19.91
C SER A 158 11.49 2.71 20.81
N LEU A 159 10.33 2.41 20.24
CA LEU A 159 9.16 2.09 21.04
C LEU A 159 9.43 0.82 21.86
N ARG A 160 8.87 0.79 23.08
CA ARG A 160 9.16 -0.30 24.00
C ARG A 160 8.74 -1.64 23.41
N LYS A 161 9.51 -2.68 23.70
CA LYS A 161 9.09 -4.02 23.32
C LYS A 161 7.68 -4.24 23.86
N PRO A 162 6.81 -4.94 23.11
CA PRO A 162 7.12 -5.61 21.86
C PRO A 162 6.70 -4.80 20.63
N PHE A 163 6.69 -3.46 20.75
CA PHE A 163 6.16 -2.58 19.71
C PHE A 163 7.24 -1.94 18.83
N GLY A 164 8.52 -2.23 19.05
CA GLY A 164 9.59 -1.54 18.36
C GLY A 164 10.07 -2.18 17.08
N ASP A 165 9.35 -3.20 16.59
CA ASP A 165 9.78 -4.06 15.51
C ASP A 165 8.92 -4.00 14.28
N PHE A 166 7.65 -3.59 14.41
CA PHE A 166 6.71 -3.96 13.38
C PHE A 166 6.85 -3.15 12.11
N MET A 167 7.46 -1.97 12.16
CA MET A 167 7.61 -1.20 10.93
C MET A 167 8.90 -1.52 10.19
N GLU A 168 9.89 -2.12 10.87
CA GLU A 168 11.19 -2.38 10.25
C GLU A 168 11.10 -3.17 8.95
N PRO A 169 10.37 -4.27 8.89
CA PRO A 169 10.28 -5.00 7.62
C PRO A 169 9.65 -4.17 6.52
N LYS A 170 8.78 -3.23 6.88
CA LYS A 170 8.15 -2.38 5.87
C LYS A 170 9.14 -1.38 5.28
N PHE A 171 9.97 -0.77 6.13
CA PHE A 171 11.06 0.08 5.64
C PHE A 171 12.06 -0.72 4.80
N GLU A 172 12.40 -1.94 5.23
CA GLU A 172 13.33 -2.76 4.45
C GLU A 172 12.78 -3.04 3.06
N PHE A 173 11.49 -3.41 3.00
CA PHE A 173 10.83 -3.61 1.71
C PHE A 173 10.88 -2.35 0.87
N ALA A 174 10.58 -1.20 1.50
CA ALA A 174 10.47 0.06 0.77
C ALA A 174 11.80 0.47 0.17
N VAL A 175 12.90 0.33 0.93
CA VAL A 175 14.19 0.74 0.38
C VAL A 175 14.48 -0.01 -0.92
N LYS A 176 14.21 -1.32 -0.95
CA LYS A 176 14.48 -2.08 -2.16
C LYS A 176 13.45 -1.81 -3.25
N PHE A 177 12.18 -1.64 -2.86
CA PHE A 177 11.12 -1.40 -3.84
C PHE A 177 11.29 -0.03 -4.48
N ASN A 178 11.61 1.00 -3.68
CA ASN A 178 11.80 2.32 -4.22
C ASN A 178 13.01 2.39 -5.16
N ALA A 179 13.96 1.48 -5.03
CA ALA A 179 15.09 1.47 -5.95
C ALA A 179 14.66 1.16 -7.38
N LEU A 180 13.46 0.59 -7.58
CA LEU A 180 12.95 0.30 -8.91
C LEU A 180 12.42 1.56 -9.59
N GLU A 181 12.19 2.62 -8.81
CA GLU A 181 11.86 3.95 -9.34
C GLU A 181 10.54 3.92 -10.14
N LEU A 182 9.56 3.18 -9.65
CA LEU A 182 8.25 3.21 -10.30
C LEU A 182 7.59 4.55 -10.06
N ASP A 183 6.74 4.97 -11.01
CA ASP A 183 5.92 6.16 -10.81
C ASP A 183 4.46 5.77 -10.62
N ASP A 184 3.61 6.78 -10.40
CA ASP A 184 2.19 6.51 -10.12
C ASP A 184 1.51 5.78 -11.28
N SER A 185 1.87 6.12 -12.53
CA SER A 185 1.27 5.43 -13.67
CA SER A 185 1.28 5.43 -13.67
C SER A 185 1.61 3.94 -13.66
N ASP A 186 2.84 3.59 -13.23
CA ASP A 186 3.20 2.18 -13.08
C ASP A 186 2.44 1.53 -11.93
N LEU A 187 2.43 2.21 -10.78
CA LEU A 187 1.82 1.67 -9.57
C LEU A 187 0.32 1.42 -9.74
N ALA A 188 -0.37 2.30 -10.46
CA ALA A 188 -1.81 2.10 -10.62
C ALA A 188 -2.10 0.74 -11.24
N ILE A 189 -1.29 0.32 -12.22
CA ILE A 189 -1.54 -0.99 -12.83
C ILE A 189 -1.05 -2.10 -11.92
N PHE A 190 0.12 -1.92 -11.30
CA PHE A 190 0.66 -2.93 -10.39
C PHE A 190 -0.35 -3.29 -9.30
N ILE A 191 -0.98 -2.29 -8.68
N ILE A 191 -0.93 -2.27 -8.67
CA ILE A 191 -1.87 -2.66 -7.58
CA ILE A 191 -1.92 -2.49 -7.63
C ILE A 191 -3.19 -3.23 -8.10
C ILE A 191 -3.08 -3.32 -8.18
N ALA A 192 -3.60 -2.91 -9.33
CA ALA A 192 -4.74 -3.61 -9.92
C ALA A 192 -4.41 -5.08 -10.15
N VAL A 193 -3.19 -5.36 -10.65
CA VAL A 193 -2.78 -6.75 -10.84
C VAL A 193 -2.86 -7.53 -9.53
N ILE A 194 -2.40 -6.93 -8.43
CA ILE A 194 -2.43 -7.63 -7.15
C ILE A 194 -3.85 -7.94 -6.74
N ILE A 195 -4.76 -6.98 -6.90
CA ILE A 195 -6.13 -7.17 -6.44
C ILE A 195 -6.77 -8.33 -7.21
N LEU A 196 -6.53 -8.41 -8.52
CA LEU A 196 -7.14 -9.45 -9.35
C LEU A 196 -6.35 -10.76 -9.33
N SER A 197 -6.05 -11.27 -8.14
CA SER A 197 -5.25 -12.49 -8.00
C SER A 197 -6.19 -13.70 -7.91
N GLY A 198 -6.05 -14.63 -8.85
CA GLY A 198 -6.99 -15.73 -8.92
C GLY A 198 -6.75 -16.87 -7.96
N ASP A 199 -5.61 -16.86 -7.25
CA ASP A 199 -5.28 -17.92 -6.31
C ASP A 199 -5.62 -17.58 -4.87
N ARG A 200 -6.40 -16.52 -4.62
CA ARG A 200 -6.84 -16.24 -3.26
C ARG A 200 -7.71 -17.40 -2.76
N PRO A 201 -7.56 -17.78 -1.49
CA PRO A 201 -8.38 -18.88 -0.94
C PRO A 201 -9.88 -18.57 -0.97
N GLY A 202 -10.66 -19.53 -1.46
CA GLY A 202 -12.09 -19.47 -1.34
C GLY A 202 -12.83 -18.74 -2.43
N LEU A 203 -12.22 -18.53 -3.60
CA LEU A 203 -12.88 -17.83 -4.70
C LEU A 203 -13.88 -18.76 -5.37
N LEU A 204 -14.99 -18.19 -5.83
CA LEU A 204 -16.06 -18.96 -6.46
C LEU A 204 -15.80 -19.18 -7.96
N ASN A 205 -15.40 -18.13 -8.67
CA ASN A 205 -15.23 -18.20 -10.12
C ASN A 205 -13.83 -17.67 -10.48
N VAL A 206 -12.86 -18.58 -10.57
CA VAL A 206 -11.46 -18.16 -10.76
C VAL A 206 -11.24 -17.63 -12.18
N LYS A 207 -11.85 -18.27 -13.18
CA LYS A 207 -11.56 -17.92 -14.57
C LYS A 207 -11.81 -16.45 -14.91
N PRO A 208 -12.95 -15.85 -14.57
CA PRO A 208 -13.13 -14.42 -14.90
C PRO A 208 -12.14 -13.50 -14.20
N ILE A 209 -11.62 -13.90 -13.05
CA ILE A 209 -10.60 -13.09 -12.37
C ILE A 209 -9.28 -13.19 -13.12
N GLU A 210 -8.88 -14.42 -13.47
CA GLU A 210 -7.67 -14.63 -14.23
C GLU A 210 -7.71 -13.90 -15.57
N ASP A 211 -8.88 -13.90 -16.23
CA ASP A 211 -9.00 -13.21 -17.51
C ASP A 211 -8.77 -11.70 -17.35
N ILE A 212 -9.29 -11.11 -16.27
CA ILE A 212 -9.04 -9.69 -16.02
C ILE A 212 -7.57 -9.48 -15.72
N GLN A 213 -7.01 -10.34 -14.86
CA GLN A 213 -5.60 -10.18 -14.48
C GLN A 213 -4.67 -10.30 -15.68
N ASP A 214 -4.94 -11.25 -16.57
CA ASP A 214 -4.06 -11.39 -17.72
C ASP A 214 -4.01 -10.10 -18.53
N ASN A 215 -5.16 -9.45 -18.72
CA ASN A 215 -5.23 -8.18 -19.43
C ASN A 215 -4.47 -7.09 -18.68
N LEU A 216 -4.63 -7.05 -17.36
CA LEU A 216 -3.88 -6.06 -16.57
C LEU A 216 -2.38 -6.32 -16.65
N LEU A 217 -1.98 -7.59 -16.63
CA LEU A 217 -0.57 -7.93 -16.75
C LEU A 217 -0.01 -7.49 -18.09
N GLN A 218 -0.78 -7.67 -19.18
CA GLN A 218 -0.34 -7.14 -20.47
C GLN A 218 -0.20 -5.63 -20.43
N ALA A 219 -1.16 -4.93 -19.80
CA ALA A 219 -1.06 -3.48 -19.70
C ALA A 219 0.15 -3.07 -18.88
N LEU A 220 0.45 -3.82 -17.81
CA LEU A 220 1.61 -3.48 -17.00
C LEU A 220 2.91 -3.69 -17.77
N GLU A 221 3.00 -4.79 -18.52
CA GLU A 221 4.25 -5.04 -19.23
C GLU A 221 4.49 -3.97 -20.28
N LEU A 222 3.45 -3.57 -21.00
CA LEU A 222 3.60 -2.52 -21.99
C LEU A 222 3.96 -1.20 -21.34
N GLN A 223 3.27 -0.85 -20.26
CA GLN A 223 3.59 0.38 -19.54
C GLN A 223 5.05 0.39 -19.10
N LEU A 224 5.55 -0.74 -18.57
CA LEU A 224 6.92 -0.70 -18.06
C LEU A 224 7.94 -0.60 -19.21
N LYS A 225 7.65 -1.26 -20.33
CA LYS A 225 8.56 -1.17 -21.48
C LYS A 225 8.61 0.26 -22.01
N LEU A 226 7.45 0.92 -22.09
CA LEU A 226 7.43 2.32 -22.54
C LEU A 226 8.06 3.27 -21.54
N ASN A 227 7.77 3.09 -20.25
CA ASN A 227 8.10 4.08 -19.25
C ASN A 227 9.49 3.92 -18.69
N HIS A 228 10.15 2.78 -18.89
CA HIS A 228 11.45 2.49 -18.30
C HIS A 228 12.38 1.91 -19.36
N PRO A 229 12.79 2.74 -20.33
CA PRO A 229 13.68 2.24 -21.39
C PRO A 229 15.01 1.73 -20.88
N GLU A 230 15.42 2.11 -19.69
CA GLU A 230 16.76 1.66 -19.28
C GLU A 230 16.74 0.36 -18.46
N SER A 231 15.57 -0.18 -18.19
N SER A 231 15.60 -0.34 -18.34
CA SER A 231 15.46 -1.52 -17.64
CA SER A 231 15.61 -1.55 -17.51
C SER A 231 14.73 -2.39 -18.65
C SER A 231 14.63 -2.60 -18.06
N SER A 232 15.17 -3.63 -18.74
CA SER A 232 14.37 -4.64 -19.37
C SER A 232 13.99 -5.76 -18.41
N GLN A 233 14.46 -5.70 -17.17
CA GLN A 233 14.17 -6.69 -16.15
C GLN A 233 13.02 -6.28 -15.21
N LEU A 234 12.43 -5.11 -15.41
CA LEU A 234 11.56 -4.51 -14.40
C LEU A 234 10.30 -5.33 -14.18
N PHE A 235 9.65 -5.76 -15.26
CA PHE A 235 8.45 -6.58 -15.13
C PHE A 235 8.70 -7.83 -14.30
N ALA A 236 9.77 -8.59 -14.63
CA ALA A 236 10.08 -9.79 -13.86
C ALA A 236 10.35 -9.46 -12.40
N LYS A 237 11.06 -8.37 -12.14
CA LYS A 237 11.33 -7.99 -10.76
C LYS A 237 10.03 -7.64 -10.03
N LEU A 238 9.07 -7.03 -10.72
CA LEU A 238 7.81 -6.70 -10.05
C LEU A 238 7.00 -7.94 -9.71
N LEU A 239 7.00 -8.95 -10.58
CA LEU A 239 6.36 -10.21 -10.21
C LEU A 239 6.97 -10.79 -8.95
N GLN A 240 8.28 -10.65 -8.81
CA GLN A 240 8.96 -11.08 -7.59
C GLN A 240 8.48 -10.29 -6.37
N LYS A 241 8.32 -8.97 -6.52
CA LYS A 241 7.82 -8.18 -5.39
C LYS A 241 6.43 -8.62 -4.96
N MET A 242 5.59 -9.06 -5.91
CA MET A 242 4.26 -9.50 -5.50
C MET A 242 4.32 -10.68 -4.55
N THR A 243 5.26 -11.60 -4.80
CA THR A 243 5.48 -12.71 -3.87
C THR A 243 6.06 -12.22 -2.54
N ASP A 244 7.03 -11.30 -2.59
CA ASP A 244 7.58 -10.73 -1.36
C ASP A 244 6.47 -10.13 -0.50
N LEU A 245 5.50 -9.48 -1.12
CA LEU A 245 4.46 -8.80 -0.34
C LEU A 245 3.65 -9.78 0.48
N ARG A 246 3.37 -10.97 -0.07
CA ARG A 246 2.60 -11.93 0.72
C ARG A 246 3.38 -12.37 1.94
N GLN A 247 4.71 -12.48 1.82
CA GLN A 247 5.54 -12.77 2.99
C GLN A 247 5.46 -11.65 4.02
N ILE A 248 5.47 -10.40 3.57
CA ILE A 248 5.40 -9.29 4.52
C ILE A 248 4.08 -9.31 5.28
N VAL A 249 2.97 -9.64 4.58
CA VAL A 249 1.67 -9.67 5.25
C VAL A 249 1.65 -10.76 6.34
N THR A 250 2.06 -11.97 5.96
CA THR A 250 2.07 -13.10 6.89
C THR A 250 2.94 -12.79 8.11
N GLU A 251 4.17 -12.33 7.86
CA GLU A 251 5.07 -11.96 8.95
C GLU A 251 4.44 -10.90 9.86
N HIS A 252 3.71 -9.95 9.29
CA HIS A 252 3.08 -8.92 10.11
C HIS A 252 2.01 -9.51 11.01
N VAL A 253 1.20 -10.43 10.48
CA VAL A 253 0.14 -11.02 11.31
C VAL A 253 0.77 -11.83 12.44
N GLN A 254 1.88 -12.49 12.15
CA GLN A 254 2.60 -13.23 13.18
C GLN A 254 3.11 -12.29 14.27
N LEU A 255 3.75 -11.19 13.85
N LEU A 255 3.76 -11.20 13.85
CA LEU A 255 4.15 -10.15 14.80
CA LEU A 255 4.14 -10.14 14.79
C LEU A 255 2.97 -9.72 15.67
C LEU A 255 2.97 -9.74 15.68
N LEU A 256 1.81 -9.47 15.07
CA LEU A 256 0.66 -9.04 15.84
C LEU A 256 0.27 -10.09 16.87
N GLN A 257 0.34 -11.37 16.49
CA GLN A 257 0.03 -12.44 17.43
C GLN A 257 1.00 -12.46 18.60
N VAL A 258 2.29 -12.29 18.32
CA VAL A 258 3.30 -12.21 19.38
C VAL A 258 2.99 -11.06 20.33
N ILE A 259 2.64 -9.90 19.78
CA ILE A 259 2.27 -8.76 20.62
C ILE A 259 1.10 -9.13 21.52
N LYS A 260 0.11 -9.85 20.96
CA LYS A 260 -1.08 -10.22 21.73
C LYS A 260 -0.75 -11.21 22.83
N LYS A 261 0.20 -12.11 22.57
CA LYS A 261 0.58 -13.11 23.56
C LYS A 261 1.07 -12.45 24.86
N THR A 262 1.83 -11.37 24.76
CA THR A 262 2.36 -10.66 25.93
C THR A 262 1.54 -9.46 26.34
N GLU A 263 0.86 -8.79 25.42
CA GLU A 263 0.00 -7.66 25.72
C GLU A 263 -1.44 -8.11 25.56
N THR A 264 -1.87 -9.05 26.40
CA THR A 264 -3.13 -9.75 26.14
C THR A 264 -4.33 -8.82 26.08
N ASP A 265 -4.24 -7.63 26.69
CA ASP A 265 -5.35 -6.68 26.64
C ASP A 265 -5.37 -5.85 25.35
N MET A 266 -4.36 -5.99 24.50
CA MET A 266 -4.42 -5.44 23.16
C MET A 266 -5.59 -6.07 22.41
N SER A 267 -6.22 -5.29 21.55
CA SER A 267 -7.26 -5.80 20.65
C SER A 267 -7.14 -5.10 19.31
N LEU A 268 -7.17 -5.88 18.23
CA LEU A 268 -7.19 -5.29 16.90
C LEU A 268 -8.54 -4.61 16.65
N HIS A 269 -8.51 -3.56 15.84
CA HIS A 269 -9.75 -3.03 15.31
C HIS A 269 -10.61 -4.17 14.77
N PRO A 270 -11.92 -4.19 15.03
CA PRO A 270 -12.71 -5.36 14.65
C PRO A 270 -12.68 -5.66 13.15
N LEU A 271 -12.59 -4.63 12.31
CA LEU A 271 -12.51 -4.88 10.87
C LEU A 271 -11.19 -5.59 10.50
N LEU A 272 -10.07 -5.19 11.12
CA LEU A 272 -8.82 -5.92 10.85
C LEU A 272 -8.90 -7.34 11.41
N GLN A 273 -9.57 -7.56 12.54
CA GLN A 273 -9.70 -8.92 13.06
C GLN A 273 -10.34 -9.83 12.02
N GLU A 274 -11.38 -9.33 11.35
CA GLU A 274 -12.07 -10.13 10.34
C GLU A 274 -11.16 -10.42 9.15
N ILE A 275 -10.42 -9.41 8.68
CA ILE A 275 -9.51 -9.62 7.56
C ILE A 275 -8.47 -10.68 7.91
N TYR A 276 -7.97 -10.66 9.15
CA TYR A 276 -6.89 -11.53 9.57
C TYR A 276 -7.37 -12.90 10.03
N LYS A 277 -8.65 -13.01 10.41
CA LYS A 277 -9.30 -14.24 10.86
C LYS A 277 -8.83 -15.47 10.11
N ASP A 278 -9.28 -15.62 8.86
CA ASP A 278 -8.84 -16.75 8.03
C ASP A 278 -7.59 -16.39 7.22
N LEU A 279 -6.61 -15.79 7.88
CA LEU A 279 -5.42 -15.29 7.19
C LEU A 279 -4.18 -15.43 8.07
C07 EWR B . 1.38 5.76 8.79
C08 EWR B . -0.45 7.44 9.30
C09 EWR B . 0.05 7.16 7.20
C10 EWR B . 0.62 4.44 8.59
C11 EWR B . -1.22 8.32 8.57
C12 EWR B . -0.93 8.11 7.27
C13 EWR B . -0.33 7.40 10.80
C14 EWR B . 0.69 6.63 5.91
C15 EWR B . -0.83 -2.06 8.85
C16 EWR B . -0.24 -0.67 8.86
C17 EWR B . -1.60 -2.21 10.17
C18 EWR B . 0.89 2.09 8.88
C19 EWR B . -0.02 6.16 11.57
C20 EWR B . -0.41 8.77 11.47
C21 EWR B . 1.09 -0.43 9.52
C22 EWR B . -1.00 0.45 8.20
C23 EWR B . 1.65 0.97 9.54
C24 EWR B . -0.44 1.85 8.22
C25 EWR B . 0.17 6.26 13.07
C26 EWR B . -0.22 8.89 12.95
C27 EWR B . 0.06 7.62 13.71
C28 EWR B . -2.47 -3.46 10.04
C29 EWR B . -1.31 -2.03 12.48
C30 EWR B . -0.26 -2.00 13.59
C31 EWR B . 0.69 9.48 15.90
N06 EWR B . 0.39 6.79 8.46
O02 EWR B . 1.44 3.37 8.89
O03 EWR B . -0.69 -2.29 11.24
O04 EWR B . -3.54 -3.37 9.36
O05 EWR B . -2.11 -4.56 10.57
S01 EWR B . 0.28 7.76 15.48
H071 EWR B . 1.66 5.85 9.72
H072 EWR B . 2.14 5.81 8.20
H101 EWR B . 0.33 4.37 7.67
H102 EWR B . -0.16 4.42 9.17
H111 EWR B . -1.84 8.91 8.91
H121 EWR B . -1.33 8.54 6.56
H142 EWR B . 1.41 6.02 6.13
H141 EWR B . 1.04 7.37 5.40
H143 EWR B . 0.02 6.17 5.39
H151 EWR B . -0.12 -2.73 8.81
H152 EWR B . -1.43 -2.17 8.11
H171 EWR B . -2.17 -1.44 10.29
H191 EWR B . 0.06 5.34 11.14
H201 EWR B . -0.57 9.52 10.95
H211 EWR B . 1.55 -1.12 9.93
H221 EWR B . -1.82 0.28 7.80
H231 EWR B . 2.48 1.13 9.94
H241 EWR B . -0.90 2.55 7.81
H251 EWR B . 0.35 5.50 13.57
H261 EWR B . -0.29 9.70 13.38
H292 EWR B . -1.96 -2.72 12.66
H291 EWR B . -1.76 -1.17 12.44
H303 EWR B . -0.22 -2.87 14.02
H302 EWR B . 0.61 -1.78 13.22
H301 EWR B . -0.50 -1.33 14.25
H313 EWR B . 1.64 9.62 15.78
H312 EWR B . 0.19 10.08 15.32
H311 EWR B . 0.44 9.65 16.83
#